data_6W26
#
_entry.id   6W26
#
_cell.length_a   48.860
_cell.length_b   87.201
_cell.length_c   163.730
_cell.angle_alpha   90.000
_cell.angle_beta   90.000
_cell.angle_gamma   90.000
#
_symmetry.space_group_name_H-M   'P 21 21 21'
#
loop_
_entity.id
_entity.type
_entity.pdbx_description
1 polymer 'Terpenoid cyclase FgGS'
2 non-polymer 'SULFATE ION'
3 non-polymer 'MAGNESIUM ION'
4 non-polymer 'SODIUM ION'
5 non-polymer 'PYROPHOSPHATE 2-'
6 non-polymer IMIDAZOLE
7 non-polymer 1,2-ETHANEDIOL
8 non-polymer GLYCEROL
9 water water
#
_entity_poly.entity_id   1
_entity_poly.type   'polypeptide(L)'
_entity_poly.pdbx_seq_one_letter_code
;MDPYSETSDLVDISRFDTHGLGANYKLRRHKFEHLADTGCHKARSDWVKYIGPLTEFGGCNHINGNFSAVVLPLCRPDRL
ELIAYVLEFAFLHDSVLESENTSPESEVQAEAGLRLLYERCISRLLQTDEVCAKKIAKTWKDAINTTTKDKNVDFQSIED
YLEFRMIDTGAPFVEALMLFGLGMSLSPQEDDALGHVIRPCFAALALTNDYFSFDREIEEVDTSTLINSVAIVMRIQSLD
IPTAKTIINETIQKYEREFLRRIDEYKQHKGPISNKIEQYMEAMTYQISGNLVWSLNCPRYNPDYRYGLEACQHEG
;
_entity_poly.pdbx_strand_id   I,A
#
# COMPACT_ATOMS: atom_id res chain seq x y z
N SER A 5 -22.93 2.71 2.47
CA SER A 5 -23.70 3.90 2.14
C SER A 5 -22.78 5.08 1.88
N GLU A 6 -22.77 6.05 2.81
CA GLU A 6 -21.74 7.07 2.82
C GLU A 6 -20.52 6.65 3.63
N THR A 7 -20.55 5.47 4.25
CA THR A 7 -19.45 4.97 5.05
C THR A 7 -18.75 3.77 4.43
N SER A 8 -19.37 3.09 3.47
CA SER A 8 -18.81 1.89 2.88
C SER A 8 -19.38 1.70 1.48
N ASP A 9 -18.58 1.08 0.62
CA ASP A 9 -18.98 0.79 -0.75
C ASP A 9 -19.31 -0.69 -0.89
N LEU A 10 -20.40 -0.98 -1.58
CA LEU A 10 -20.68 -2.36 -1.98
C LEU A 10 -19.64 -2.81 -3.01
N VAL A 11 -19.13 -4.02 -2.84
CA VAL A 11 -18.13 -4.58 -3.73
C VAL A 11 -18.65 -5.93 -4.23
N ASP A 12 -18.52 -6.15 -5.52
CA ASP A 12 -18.97 -7.41 -6.16
C ASP A 12 -18.09 -8.59 -5.70
N ILE A 13 -18.58 -9.44 -4.82
CA ILE A 13 -17.79 -10.55 -4.31
C ILE A 13 -17.45 -11.56 -5.41
N SER A 14 -18.23 -11.60 -6.49
CA SER A 14 -17.92 -12.49 -7.60
C SER A 14 -16.68 -12.09 -8.36
N ARG A 15 -16.18 -10.87 -8.16
CA ARG A 15 -14.92 -10.44 -8.76
C ARG A 15 -13.71 -11.12 -8.12
N PHE A 16 -13.90 -11.92 -7.07
CA PHE A 16 -12.82 -12.59 -6.38
C PHE A 16 -13.00 -14.09 -6.46
N ASP A 17 -11.88 -14.82 -6.41
CA ASP A 17 -11.91 -16.28 -6.38
C ASP A 17 -11.99 -16.72 -4.93
N THR A 18 -13.19 -17.09 -4.49
CA THR A 18 -13.43 -17.48 -3.11
C THR A 18 -13.58 -18.98 -2.94
N HIS A 19 -13.21 -19.77 -3.95
CA HIS A 19 -13.20 -21.22 -3.87
C HIS A 19 -14.58 -21.76 -3.46
N GLY A 20 -15.63 -21.11 -3.96
CA GLY A 20 -16.99 -21.51 -3.66
C GLY A 20 -17.52 -21.06 -2.32
N LEU A 21 -16.76 -20.29 -1.57
CA LEU A 21 -17.21 -19.79 -0.28
C LEU A 21 -17.85 -18.43 -0.42
N GLY A 22 -18.64 -18.06 0.59
CA GLY A 22 -19.28 -16.76 0.66
C GLY A 22 -20.50 -16.56 -0.22
N ALA A 23 -21.06 -17.64 -0.77
CA ALA A 23 -22.23 -17.52 -1.63
C ALA A 23 -23.40 -16.90 -0.86
N ASN A 24 -24.03 -15.90 -1.49
CA ASN A 24 -25.17 -15.17 -0.95
C ASN A 24 -24.81 -14.30 0.24
N TYR A 25 -23.52 -14.02 0.44
CA TYR A 25 -23.09 -13.02 1.40
C TYR A 25 -22.64 -11.79 0.63
N LYS A 26 -23.09 -10.61 1.05
CA LYS A 26 -22.69 -9.37 0.42
C LYS A 26 -21.39 -8.87 1.04
N LEU A 27 -20.60 -8.18 0.23
CA LEU A 27 -19.29 -7.70 0.63
C LEU A 27 -19.26 -6.18 0.56
N ARG A 28 -18.68 -5.56 1.59
CA ARG A 28 -18.58 -4.11 1.65
C ARG A 28 -17.18 -3.73 2.11
N ARG A 29 -16.75 -2.54 1.68
CA ARG A 29 -15.41 -2.03 1.98
C ARG A 29 -15.56 -0.63 2.55
N HIS A 30 -15.02 -0.42 3.75
CA HIS A 30 -15.21 0.85 4.45
C HIS A 30 -14.57 2.00 3.67
N LYS A 31 -15.31 3.10 3.54
CA LYS A 31 -14.80 4.25 2.81
C LYS A 31 -13.69 4.96 3.57
N PHE A 32 -13.68 4.86 4.89
CA PHE A 32 -12.65 5.44 5.74
C PHE A 32 -11.56 4.43 6.08
N GLU A 33 -11.18 3.60 5.09
CA GLU A 33 -10.19 2.54 5.32
C GLU A 33 -8.86 3.10 5.80
N HIS A 34 -8.53 4.34 5.41
CA HIS A 34 -7.28 4.95 5.84
C HIS A 34 -7.18 5.04 7.36
N LEU A 35 -8.31 5.23 8.04
CA LEU A 35 -8.31 5.23 9.50
C LEU A 35 -7.92 3.87 10.07
N ALA A 36 -8.38 2.79 9.44
CA ALA A 36 -7.96 1.46 9.86
C ALA A 36 -6.46 1.26 9.60
N ASP A 37 -5.97 1.75 8.45
CA ASP A 37 -4.54 1.68 8.19
C ASP A 37 -3.77 2.49 9.23
N THR A 38 -4.28 3.66 9.59
CA THR A 38 -3.63 4.48 10.61
C THR A 38 -3.61 3.75 11.95
N GLY A 39 -4.74 3.16 12.34
CA GLY A 39 -4.78 2.40 13.59
C GLY A 39 -3.79 1.27 13.63
N CYS A 40 -3.59 0.59 12.49
CA CYS A 40 -2.67 -0.55 12.46
C CYS A 40 -1.22 -0.06 12.53
N HIS A 41 -0.92 1.05 11.87
CA HIS A 41 0.42 1.62 11.94
C HIS A 41 0.79 2.00 13.37
N LYS A 42 -0.09 2.74 14.05
CA LYS A 42 0.19 3.18 15.41
C LYS A 42 0.37 1.99 16.34
N ALA A 43 -0.44 0.94 16.16
CA ALA A 43 -0.29 -0.25 16.99
C ALA A 43 1.06 -0.93 16.73
N ARG A 44 1.46 -1.04 15.47
CA ARG A 44 2.74 -1.65 15.16
C ARG A 44 3.90 -0.80 15.69
N SER A 45 3.76 0.52 15.65
CA SER A 45 4.81 1.40 16.17
CA SER A 45 4.81 1.40 16.17
C SER A 45 4.94 1.26 17.68
N ASP A 46 3.80 1.16 18.38
CA ASP A 46 3.84 0.96 19.82
C ASP A 46 4.43 -0.40 20.18
N TRP A 47 4.21 -1.41 19.33
CA TRP A 47 4.76 -2.73 19.59
C TRP A 47 6.28 -2.71 19.61
N VAL A 48 6.88 -2.05 18.62
CA VAL A 48 8.33 -1.93 18.59
C VAL A 48 8.81 -1.04 19.72
N LYS A 49 7.99 -0.07 20.12
CA LYS A 49 8.36 0.85 21.20
C LYS A 49 8.46 0.13 22.54
N TYR A 50 7.52 -0.78 22.82
CA TYR A 50 7.39 -1.36 24.15
C TYR A 50 7.65 -2.86 24.23
N ILE A 51 7.67 -3.57 23.10
CA ILE A 51 7.79 -5.03 23.13
C ILE A 51 9.11 -5.46 22.49
N GLY A 52 9.16 -5.37 21.16
CA GLY A 52 10.29 -5.85 20.41
C GLY A 52 10.02 -5.70 18.92
N PRO A 53 10.89 -6.28 18.09
CA PRO A 53 10.74 -6.09 16.65
C PRO A 53 9.51 -6.80 16.11
N LEU A 54 8.96 -6.23 15.04
CA LEU A 54 7.82 -6.85 14.36
C LEU A 54 8.30 -8.00 13.50
N THR A 55 7.56 -9.11 13.52
CA THR A 55 7.95 -10.29 12.77
C THR A 55 6.86 -10.81 11.84
N GLU A 56 5.79 -10.06 11.61
CA GLU A 56 4.71 -10.54 10.77
C GLU A 56 3.73 -9.41 10.50
N PHE A 57 2.88 -9.63 9.50
CA PHE A 57 1.79 -8.72 9.19
C PHE A 57 0.58 -9.06 10.02
N GLY A 58 -0.27 -8.06 10.25
CA GLY A 58 -1.52 -8.27 10.96
C GLY A 58 -2.72 -8.15 10.06
N GLY A 59 -3.52 -7.10 10.25
CA GLY A 59 -4.72 -6.91 9.47
C GLY A 59 -4.56 -6.19 8.14
N CYS A 60 -3.38 -5.63 7.88
CA CYS A 60 -3.18 -4.80 6.69
C CYS A 60 -3.33 -5.62 5.41
N ASN A 61 -3.91 -4.97 4.39
CA ASN A 61 -4.09 -5.55 3.07
C ASN A 61 -4.63 -4.47 2.14
N HIS A 62 -3.74 -3.74 1.47
CA HIS A 62 -4.21 -2.63 0.64
CA HIS A 62 -4.18 -2.63 0.63
C HIS A 62 -4.86 -3.10 -0.65
N ILE A 63 -4.64 -4.34 -1.07
CA ILE A 63 -5.25 -4.83 -2.31
C ILE A 63 -6.74 -5.10 -2.09
N ASN A 64 -7.06 -6.07 -1.23
CA ASN A 64 -8.44 -6.45 -1.01
C ASN A 64 -9.11 -5.69 0.13
N GLY A 65 -8.36 -4.90 0.89
CA GLY A 65 -9.00 -4.11 1.96
C GLY A 65 -8.47 -4.50 3.33
N ASN A 66 -8.17 -3.47 4.12
CA ASN A 66 -7.79 -3.69 5.52
C ASN A 66 -8.82 -4.57 6.22
N PHE A 67 -8.32 -5.49 7.05
CA PHE A 67 -9.17 -6.43 7.78
C PHE A 67 -10.39 -5.75 8.37
N SER A 68 -10.17 -4.71 9.19
CA SER A 68 -11.29 -3.99 9.79
C SER A 68 -12.21 -3.38 8.74
N ALA A 69 -11.65 -2.96 7.60
CA ALA A 69 -12.45 -2.23 6.62
C ALA A 69 -13.45 -3.13 5.90
N VAL A 70 -13.14 -4.43 5.75
CA VAL A 70 -14.03 -5.33 5.04
C VAL A 70 -14.78 -6.23 6.02
N VAL A 71 -14.15 -6.56 7.15
CA VAL A 71 -14.84 -7.36 8.15
C VAL A 71 -15.86 -6.53 8.91
N LEU A 72 -15.59 -5.25 9.15
CA LEU A 72 -16.47 -4.38 9.90
C LEU A 72 -16.73 -3.10 9.11
N PRO A 73 -17.38 -3.22 7.94
CA PRO A 73 -17.58 -2.03 7.09
C PRO A 73 -18.68 -1.10 7.56
N LEU A 74 -19.51 -1.52 8.52
CA LEU A 74 -20.57 -0.68 9.06
C LEU A 74 -20.10 0.13 10.26
N CYS A 75 -18.81 0.08 10.59
CA CYS A 75 -18.28 0.79 11.75
CA CYS A 75 -18.30 0.78 11.76
C CYS A 75 -18.43 2.29 11.58
N ARG A 76 -18.73 2.98 12.68
CA ARG A 76 -18.74 4.43 12.66
C ARG A 76 -17.33 4.93 12.40
N PRO A 77 -17.15 5.91 11.52
CA PRO A 77 -15.78 6.36 11.19
C PRO A 77 -14.98 6.81 12.41
N ASP A 78 -15.63 7.41 13.42
CA ASP A 78 -14.92 7.87 14.60
C ASP A 78 -14.47 6.74 15.52
N ARG A 79 -14.83 5.49 15.21
CA ARG A 79 -14.41 4.35 16.02
C ARG A 79 -13.56 3.35 15.25
N LEU A 80 -13.36 3.55 13.94
CA LEU A 80 -12.67 2.54 13.14
C LEU A 80 -11.19 2.46 13.49
N GLU A 81 -10.54 3.60 13.74
CA GLU A 81 -9.11 3.61 14.03
C GLU A 81 -8.78 2.83 15.29
N LEU A 82 -9.53 3.07 16.37
CA LEU A 82 -9.27 2.38 17.62
C LEU A 82 -9.52 0.88 17.49
N ILE A 83 -10.58 0.49 16.80
CA ILE A 83 -10.88 -0.92 16.61
C ILE A 83 -9.75 -1.60 15.85
N ALA A 84 -9.27 -0.98 14.78
CA ALA A 84 -8.17 -1.55 14.02
C ALA A 84 -6.90 -1.60 14.86
N TYR A 85 -6.67 -0.56 15.68
CA TYR A 85 -5.55 -0.59 16.62
C TYR A 85 -5.62 -1.82 17.52
N VAL A 86 -6.77 -2.04 18.16
CA VAL A 86 -6.94 -3.18 19.05
C VAL A 86 -6.68 -4.48 18.31
N LEU A 87 -7.28 -4.63 17.12
CA LEU A 87 -7.14 -5.88 16.38
C LEU A 87 -5.70 -6.12 15.97
N GLU A 88 -4.95 -5.06 15.64
CA GLU A 88 -3.56 -5.22 15.24
C GLU A 88 -2.71 -5.73 16.39
N PHE A 89 -2.91 -5.18 17.60
CA PHE A 89 -2.25 -5.73 18.76
C PHE A 89 -2.67 -7.18 18.99
N ALA A 90 -3.96 -7.48 18.83
CA ALA A 90 -4.44 -8.84 18.98
C ALA A 90 -3.81 -9.78 17.95
N PHE A 91 -3.66 -9.31 16.70
CA PHE A 91 -3.00 -10.10 15.68
C PHE A 91 -1.58 -10.48 16.09
N LEU A 92 -0.84 -9.53 16.63
CA LEU A 92 0.55 -9.79 17.00
C LEU A 92 0.63 -10.58 18.30
N HIS A 93 -0.23 -10.27 19.28
CA HIS A 93 -0.25 -11.04 20.50
C HIS A 93 -0.70 -12.48 20.24
N ASP A 94 -1.53 -12.70 19.22
CA ASP A 94 -1.99 -14.04 18.90
C ASP A 94 -0.81 -14.98 18.62
N SER A 95 0.15 -14.53 17.81
CA SER A 95 1.29 -15.40 17.49
C SER A 95 2.19 -15.63 18.69
N VAL A 96 2.25 -14.66 19.62
CA VAL A 96 3.02 -14.88 20.85
C VAL A 96 2.42 -16.02 21.65
N LEU A 97 1.09 -16.03 21.81
CA LEU A 97 0.42 -17.09 22.56
C LEU A 97 0.64 -18.46 21.92
N GLU A 98 0.71 -18.52 20.59
CA GLU A 98 0.91 -19.79 19.91
C GLU A 98 2.36 -20.24 19.91
N SER A 99 3.30 -19.35 20.24
CA SER A 99 4.71 -19.68 20.18
C SER A 99 5.05 -20.81 21.16
N GLU A 100 6.05 -21.60 20.80
CA GLU A 100 6.52 -22.68 21.66
C GLU A 100 8.02 -22.61 21.93
N ASN A 101 8.72 -21.63 21.37
CA ASN A 101 10.15 -21.46 21.60
C ASN A 101 10.47 -20.20 22.39
N THR A 102 9.46 -19.53 22.93
CA THR A 102 9.70 -18.34 23.73
C THR A 102 10.31 -18.74 25.08
N SER A 103 11.49 -18.22 25.37
CA SER A 103 12.15 -18.50 26.63
C SER A 103 11.29 -18.01 27.80
N PRO A 104 11.45 -18.61 28.98
CA PRO A 104 10.84 -18.01 30.17
C PRO A 104 11.35 -16.61 30.46
N GLU A 105 12.58 -16.30 30.04
CA GLU A 105 13.12 -14.95 30.24
C GLU A 105 12.43 -13.94 29.34
N SER A 106 12.29 -14.26 28.05
CA SER A 106 11.64 -13.34 27.13
C SER A 106 10.16 -13.18 27.45
N GLU A 107 9.51 -14.25 27.92
CA GLU A 107 8.11 -14.14 28.29
C GLU A 107 7.94 -13.22 29.50
N VAL A 108 8.81 -13.36 30.50
CA VAL A 108 8.81 -12.42 31.62
C VAL A 108 9.14 -11.01 31.13
N GLN A 109 10.08 -10.90 30.19
CA GLN A 109 10.53 -9.61 29.70
C GLN A 109 9.41 -8.89 28.94
N ALA A 110 8.58 -9.63 28.21
CA ALA A 110 7.53 -9.02 27.41
C ALA A 110 6.21 -8.91 28.15
N GLU A 111 6.11 -9.43 29.38
CA GLU A 111 4.86 -9.39 30.11
C GLU A 111 4.39 -7.96 30.36
N ALA A 112 5.31 -7.10 30.82
CA ALA A 112 4.92 -5.73 31.16
C ALA A 112 4.54 -4.93 29.92
N GLY A 113 5.23 -5.13 28.80
CA GLY A 113 4.87 -4.43 27.58
C GLY A 113 3.52 -4.84 27.04
N LEU A 114 3.26 -6.15 27.01
CA LEU A 114 1.95 -6.65 26.60
C LEU A 114 0.84 -6.12 27.50
N ARG A 115 1.07 -6.13 28.82
CA ARG A 115 0.10 -5.58 29.76
C ARG A 115 -0.18 -4.11 29.48
N LEU A 116 0.87 -3.32 29.23
CA LEU A 116 0.69 -1.88 29.02
C LEU A 116 -0.21 -1.60 27.82
N LEU A 117 0.05 -2.27 26.69
CA LEU A 117 -0.74 -2.00 25.49
C LEU A 117 -2.14 -2.57 25.61
N TYR A 118 -2.28 -3.72 26.27
CA TYR A 118 -3.61 -4.26 26.58
C TYR A 118 -4.41 -3.27 27.41
N GLU A 119 -3.82 -2.78 28.51
CA GLU A 119 -4.53 -1.81 29.35
C GLU A 119 -4.76 -0.49 28.62
N ARG A 120 -3.86 -0.13 27.70
CA ARG A 120 -4.08 1.07 26.89
C ARG A 120 -5.30 0.92 26.01
N CYS A 121 -5.50 -0.26 25.42
CA CYS A 121 -6.66 -0.46 24.56
C CYS A 121 -7.95 -0.48 25.36
N ILE A 122 -7.93 -1.13 26.53
CA ILE A 122 -9.13 -1.22 27.35
C ILE A 122 -9.50 0.16 27.89
N SER A 123 -8.51 0.95 28.29
CA SER A 123 -8.79 2.28 28.83
C SER A 123 -9.44 3.17 27.77
N ARG A 124 -8.89 3.15 26.55
CA ARG A 124 -9.44 3.98 25.48
C ARG A 124 -10.86 3.57 25.13
N LEU A 125 -11.13 2.26 25.12
CA LEU A 125 -12.48 1.79 24.83
C LEU A 125 -13.45 2.22 25.92
N LEU A 126 -13.02 2.07 27.17
CA LEU A 126 -13.89 2.43 28.30
C LEU A 126 -14.23 3.91 28.23
N GLN A 127 -13.28 4.75 27.88
CA GLN A 127 -13.50 6.18 27.82
C GLN A 127 -14.47 6.58 26.70
N THR A 128 -14.62 5.74 25.67
CA THR A 128 -15.45 6.07 24.53
C THR A 128 -16.87 5.53 24.67
N ASP A 129 -17.01 4.28 25.09
CA ASP A 129 -18.31 3.63 25.21
C ASP A 129 -18.15 2.55 26.27
N GLU A 130 -18.57 2.87 27.51
CA GLU A 130 -18.26 1.99 28.63
C GLU A 130 -18.99 0.66 28.51
N VAL A 131 -20.26 0.68 28.14
CA VAL A 131 -21.03 -0.56 28.05
C VAL A 131 -20.40 -1.49 27.01
N CYS A 132 -20.05 -0.94 25.88
CA CYS A 132 -19.47 -1.77 24.79
C CYS A 132 -18.08 -2.23 25.20
N ALA A 133 -17.35 -1.35 25.85
CA ALA A 133 -15.97 -1.68 26.27
C ALA A 133 -15.98 -2.86 27.21
N LYS A 134 -16.90 -2.94 28.15
CA LYS A 134 -16.89 -4.04 29.13
C LYS A 134 -17.05 -5.38 28.43
N LYS A 135 -17.85 -5.45 27.38
CA LYS A 135 -18.02 -6.69 26.61
C LYS A 135 -16.70 -7.00 25.89
N ILE A 136 -16.03 -6.00 25.35
CA ILE A 136 -14.75 -6.26 24.68
C ILE A 136 -13.73 -6.82 25.66
N ALA A 137 -13.62 -6.20 26.84
CA ALA A 137 -12.66 -6.66 27.84
C ALA A 137 -12.97 -8.09 28.29
N LYS A 138 -14.25 -8.42 28.44
CA LYS A 138 -14.63 -9.75 28.88
C LYS A 138 -14.24 -10.81 27.85
N THR A 139 -14.58 -10.55 26.58
CA THR A 139 -14.29 -11.53 25.53
C THR A 139 -12.80 -11.62 25.24
N TRP A 140 -12.10 -10.48 25.23
CA TRP A 140 -10.66 -10.49 25.03
C TRP A 140 -9.97 -11.35 26.07
N LYS A 141 -10.33 -11.17 27.34
CA LYS A 141 -9.73 -11.95 28.41
C LYS A 141 -10.08 -13.42 28.28
N ASP A 142 -11.32 -13.73 27.89
CA ASP A 142 -11.73 -15.13 27.73
C ASP A 142 -10.99 -15.81 26.59
N ALA A 143 -10.70 -15.07 25.51
CA ALA A 143 -9.97 -15.68 24.40
C ALA A 143 -8.53 -15.99 24.80
N ILE A 144 -7.86 -15.05 25.46
CA ILE A 144 -6.47 -15.26 25.87
C ILE A 144 -6.38 -16.43 26.84
N ASN A 145 -7.27 -16.46 27.84
CA ASN A 145 -7.27 -17.53 28.83
C ASN A 145 -7.55 -18.88 28.17
N THR A 146 -8.56 -18.93 27.30
CA THR A 146 -8.90 -20.18 26.64
C THR A 146 -7.75 -20.69 25.78
N THR A 147 -7.12 -19.78 25.01
CA THR A 147 -5.97 -20.16 24.20
C THR A 147 -4.84 -20.68 25.07
N THR A 148 -4.48 -19.94 26.12
CA THR A 148 -3.39 -20.34 27.00
C THR A 148 -3.64 -21.72 27.60
N LYS A 149 -4.87 -21.97 28.06
CA LYS A 149 -5.13 -23.22 28.78
C LYS A 149 -5.34 -24.40 27.84
N ASP A 150 -5.97 -24.18 26.69
CA ASP A 150 -6.50 -25.30 25.91
C ASP A 150 -5.85 -25.49 24.54
N LYS A 151 -4.83 -24.72 24.18
CA LYS A 151 -4.30 -24.79 22.82
C LYS A 151 -3.63 -26.13 22.52
N ASN A 152 -3.21 -26.87 23.53
CA ASN A 152 -2.53 -28.14 23.32
C ASN A 152 -3.47 -29.35 23.34
N VAL A 153 -4.78 -29.13 23.50
CA VAL A 153 -5.73 -30.23 23.55
C VAL A 153 -5.76 -30.97 22.22
N ASP A 154 -5.83 -32.29 22.28
CA ASP A 154 -5.98 -33.14 21.10
C ASP A 154 -7.46 -33.42 20.89
N PHE A 155 -8.09 -32.65 20.01
CA PHE A 155 -9.49 -32.86 19.66
C PHE A 155 -9.61 -34.04 18.70
N GLN A 156 -10.73 -34.76 18.80
CA GLN A 156 -10.97 -35.91 17.92
C GLN A 156 -12.25 -35.76 17.12
N SER A 157 -12.73 -34.54 16.94
CA SER A 157 -13.79 -34.25 15.97
C SER A 157 -13.75 -32.77 15.67
N ILE A 158 -14.21 -32.40 14.48
CA ILE A 158 -14.29 -30.99 14.12
C ILE A 158 -15.26 -30.26 15.05
N GLU A 159 -16.30 -30.95 15.44
CA GLU A 159 -17.33 -30.38 16.33
C GLU A 159 -16.69 -29.98 17.67
N ASP A 160 -15.95 -30.89 18.29
CA ASP A 160 -15.30 -30.63 19.57
C ASP A 160 -14.25 -29.53 19.44
N TYR A 161 -13.47 -29.57 18.35
CA TYR A 161 -12.48 -28.55 18.08
C TYR A 161 -13.12 -27.17 18.00
N LEU A 162 -14.31 -27.07 17.39
CA LEU A 162 -14.91 -25.77 17.12
C LEU A 162 -15.39 -25.07 18.39
N GLU A 163 -15.78 -25.83 19.42
CA GLU A 163 -16.17 -25.19 20.68
C GLU A 163 -14.99 -24.41 21.26
N PHE A 164 -13.79 -24.97 21.15
CA PHE A 164 -12.58 -24.24 21.54
C PHE A 164 -12.20 -23.20 20.50
N ARG A 165 -12.24 -23.57 19.21
CA ARG A 165 -11.66 -22.73 18.18
C ARG A 165 -12.44 -21.44 17.99
N MET A 166 -13.77 -21.48 18.15
CA MET A 166 -14.56 -20.25 18.02
C MET A 166 -14.11 -19.18 19.01
N ILE A 167 -13.68 -19.61 20.20
CA ILE A 167 -13.16 -18.67 21.19
CA ILE A 167 -13.17 -18.65 21.17
C ILE A 167 -11.71 -18.29 20.87
N ASP A 168 -10.90 -19.29 20.54
CA ASP A 168 -9.49 -19.05 20.25
C ASP A 168 -9.30 -18.12 19.06
N THR A 169 -10.12 -18.28 18.02
CA THR A 169 -10.01 -17.44 16.83
C THR A 169 -10.48 -16.01 17.07
N GLY A 170 -11.13 -15.73 18.20
CA GLY A 170 -11.56 -14.39 18.51
C GLY A 170 -12.92 -14.00 17.99
N ALA A 171 -13.79 -14.96 17.69
CA ALA A 171 -15.08 -14.61 17.10
C ALA A 171 -15.96 -13.81 18.05
N PRO A 172 -16.17 -14.20 19.32
CA PRO A 172 -16.89 -13.29 20.23
C PRO A 172 -16.16 -11.97 20.43
N PHE A 173 -14.83 -12.01 20.44
CA PHE A 173 -14.03 -10.79 20.57
C PHE A 173 -14.31 -9.83 19.42
N VAL A 174 -14.31 -10.34 18.19
CA VAL A 174 -14.57 -9.49 17.03
C VAL A 174 -16.03 -9.03 17.03
N GLU A 175 -16.95 -9.90 17.46
CA GLU A 175 -18.34 -9.49 17.57
C GLU A 175 -18.49 -8.34 18.55
N ALA A 176 -17.79 -8.41 19.69
CA ALA A 176 -17.82 -7.32 20.65
C ALA A 176 -17.27 -6.03 20.05
N LEU A 177 -16.22 -6.13 19.24
CA LEU A 177 -15.68 -4.93 18.59
C LEU A 177 -16.65 -4.37 17.55
N MET A 178 -17.36 -5.26 16.84
CA MET A 178 -18.31 -4.83 15.83
C MET A 178 -19.48 -4.09 16.47
N LEU A 179 -19.93 -4.56 17.63
CA LEU A 179 -20.97 -3.84 18.37
C LEU A 179 -20.47 -2.48 18.82
N PHE A 180 -19.23 -2.42 19.31
CA PHE A 180 -18.65 -1.14 19.69
C PHE A 180 -18.57 -0.19 18.49
N GLY A 181 -18.20 -0.72 17.31
CA GLY A 181 -18.16 0.10 16.11
C GLY A 181 -19.53 0.60 15.69
N LEU A 182 -20.58 -0.16 15.99
CA LEU A 182 -21.94 0.28 15.73
C LEU A 182 -22.51 1.14 16.84
N GLY A 183 -21.82 1.23 17.97
CA GLY A 183 -22.40 1.85 19.16
C GLY A 183 -23.66 1.14 19.60
N MET A 184 -23.66 -0.19 19.56
CA MET A 184 -24.84 -0.99 19.79
C MET A 184 -24.61 -1.94 20.96
N SER A 185 -25.63 -2.07 21.80
CA SER A 185 -25.63 -3.04 22.89
C SER A 185 -26.90 -3.87 22.80
N LEU A 186 -26.79 -5.15 23.15
CA LEU A 186 -27.92 -6.06 23.12
C LEU A 186 -28.41 -6.31 24.54
N SER A 187 -29.72 -6.43 24.70
CA SER A 187 -30.27 -6.86 25.97
C SER A 187 -29.81 -8.27 26.29
N PRO A 188 -29.86 -8.66 27.57
CA PRO A 188 -29.62 -10.08 27.90
C PRO A 188 -30.59 -11.01 27.20
N GLN A 189 -31.83 -10.55 26.97
CA GLN A 189 -32.77 -11.34 26.17
C GLN A 189 -32.27 -11.53 24.75
N GLU A 190 -31.88 -10.43 24.10
CA GLU A 190 -31.34 -10.50 22.75
C GLU A 190 -30.03 -11.27 22.72
N ASP A 191 -29.17 -11.07 23.71
CA ASP A 191 -27.93 -11.83 23.82
C ASP A 191 -28.21 -13.33 23.80
N ASP A 192 -29.20 -13.77 24.56
CA ASP A 192 -29.51 -15.21 24.65
C ASP A 192 -29.97 -15.75 23.30
N ALA A 193 -30.94 -15.08 22.68
CA ALA A 193 -31.52 -15.60 21.44
C ALA A 193 -30.51 -15.56 20.29
N LEU A 194 -29.77 -14.46 20.16
CA LEU A 194 -28.81 -14.32 19.04
C LEU A 194 -27.58 -15.24 19.14
N GLY A 195 -27.21 -15.68 20.34
CA GLY A 195 -26.11 -16.64 20.54
C GLY A 195 -26.29 -17.89 19.68
N HIS A 196 -27.49 -18.46 19.68
CA HIS A 196 -27.82 -19.63 18.83
C HIS A 196 -27.72 -19.24 17.35
N VAL A 197 -28.08 -18.02 17.01
CA VAL A 197 -28.08 -17.62 15.60
C VAL A 197 -26.66 -17.52 15.06
N ILE A 198 -25.74 -16.94 15.84
CA ILE A 198 -24.41 -16.63 15.33
C ILE A 198 -23.41 -17.76 15.50
N ARG A 199 -23.79 -18.85 16.18
CA ARG A 199 -22.88 -19.99 16.32
C ARG A 199 -22.37 -20.52 14.99
N PRO A 200 -23.20 -20.78 13.97
CA PRO A 200 -22.64 -21.21 12.68
C PRO A 200 -21.82 -20.13 11.99
N CYS A 201 -22.10 -18.85 12.26
CA CYS A 201 -21.24 -17.79 11.75
C CYS A 201 -19.84 -17.87 12.36
N PHE A 202 -19.77 -18.05 13.69
CA PHE A 202 -18.49 -18.21 14.36
C PHE A 202 -17.71 -19.38 13.76
N ALA A 203 -18.40 -20.51 13.52
CA ALA A 203 -17.72 -21.68 12.97
C ALA A 203 -17.22 -21.42 11.56
N ALA A 204 -18.04 -20.78 10.73
CA ALA A 204 -17.60 -20.44 9.37
C ALA A 204 -16.36 -19.55 9.41
N LEU A 205 -16.35 -18.54 10.29
CA LEU A 205 -15.18 -17.68 10.40
C LEU A 205 -13.94 -18.48 10.81
N ALA A 206 -14.09 -19.35 11.81
CA ALA A 206 -12.94 -20.12 12.30
C ALA A 206 -12.41 -21.05 11.23
N LEU A 207 -13.30 -21.79 10.55
CA LEU A 207 -12.86 -22.76 9.56
C LEU A 207 -12.32 -22.07 8.31
N THR A 208 -12.92 -20.94 7.92
CA THR A 208 -12.40 -20.20 6.77
C THR A 208 -10.98 -19.73 7.04
N ASN A 209 -10.69 -19.30 8.27
CA ASN A 209 -9.32 -18.92 8.60
C ASN A 209 -8.39 -20.11 8.50
N ASP A 210 -8.80 -21.27 9.04
CA ASP A 210 -8.01 -22.49 8.92
C ASP A 210 -7.65 -22.77 7.46
N TYR A 211 -8.65 -22.67 6.58
CA TYR A 211 -8.47 -22.95 5.16
C TYR A 211 -7.36 -22.10 4.55
N PHE A 212 -7.38 -20.79 4.82
CA PHE A 212 -6.48 -19.87 4.14
C PHE A 212 -5.19 -19.60 4.89
N SER A 213 -5.10 -19.99 6.16
CA SER A 213 -3.87 -19.79 6.94
C SER A 213 -3.11 -21.09 7.20
N PHE A 214 -3.57 -22.21 6.64
CA PHE A 214 -2.93 -23.50 6.91
C PHE A 214 -1.51 -23.54 6.38
N ASP A 215 -1.30 -23.07 5.15
CA ASP A 215 0.03 -23.11 4.56
C ASP A 215 1.02 -22.35 5.43
N ARG A 216 0.65 -21.17 5.87
CA ARG A 216 1.53 -20.35 6.70
C ARG A 216 1.74 -21.00 8.07
N GLU A 217 0.69 -21.59 8.63
CA GLU A 217 0.83 -22.21 9.94
C GLU A 217 1.67 -23.48 9.87
N ILE A 218 1.64 -24.19 8.74
CA ILE A 218 2.55 -25.31 8.56
C ILE A 218 3.98 -24.81 8.48
N GLU A 219 4.19 -23.64 7.85
CA GLU A 219 5.53 -23.08 7.75
C GLU A 219 6.09 -22.68 9.10
N GLU A 220 5.23 -22.43 10.08
CA GLU A 220 5.66 -21.96 11.39
C GLU A 220 5.64 -23.05 12.45
N VAL A 221 5.25 -24.28 12.07
CA VAL A 221 5.02 -25.33 13.05
C VAL A 221 6.29 -25.71 13.80
N ASP A 222 7.47 -25.34 13.28
CA ASP A 222 8.71 -25.60 14.01
C ASP A 222 8.81 -24.75 15.27
N THR A 223 8.05 -23.66 15.37
CA THR A 223 8.09 -22.79 16.54
C THR A 223 6.72 -22.42 17.08
N SER A 224 5.64 -23.00 16.54
CA SER A 224 4.30 -22.56 16.91
C SER A 224 3.32 -23.73 16.92
N THR A 225 2.42 -23.72 17.92
CA THR A 225 1.32 -24.69 17.97
C THR A 225 0.46 -24.62 16.71
N LEU A 226 0.20 -25.78 16.11
CA LEU A 226 -0.64 -25.88 14.92
C LEU A 226 -2.09 -26.10 15.36
N ILE A 227 -2.90 -25.05 15.27
CA ILE A 227 -4.32 -25.11 15.58
C ILE A 227 -5.08 -24.92 14.27
N ASN A 228 -5.47 -26.03 13.64
CA ASN A 228 -6.05 -25.95 12.30
C ASN A 228 -6.83 -27.20 11.99
N SER A 229 -8.11 -27.02 11.60
CA SER A 229 -8.98 -28.16 11.31
C SER A 229 -8.49 -28.97 10.11
N VAL A 230 -7.75 -28.34 9.19
CA VAL A 230 -7.20 -29.10 8.07
C VAL A 230 -6.24 -30.17 8.58
N ALA A 231 -5.38 -29.83 9.54
CA ALA A 231 -4.50 -30.82 10.15
C ALA A 231 -5.29 -31.92 10.84
N ILE A 232 -6.38 -31.56 11.53
CA ILE A 232 -7.16 -32.56 12.24
C ILE A 232 -7.79 -33.55 11.25
N VAL A 233 -8.40 -33.04 10.19
CA VAL A 233 -8.99 -33.90 9.16
C VAL A 233 -7.93 -34.78 8.52
N MET A 234 -6.75 -34.22 8.24
CA MET A 234 -5.66 -35.01 7.67
C MET A 234 -5.33 -36.21 8.55
N ARG A 235 -5.30 -36.01 9.86
CA ARG A 235 -4.86 -37.08 10.76
C ARG A 235 -5.95 -38.12 10.97
N ILE A 236 -7.18 -37.68 11.24
CA ILE A 236 -8.24 -38.63 11.58
C ILE A 236 -8.76 -39.36 10.34
N GLN A 237 -8.68 -38.75 9.16
CA GLN A 237 -9.19 -39.39 7.96
C GLN A 237 -8.11 -39.84 6.99
N SER A 238 -6.84 -39.69 7.34
CA SER A 238 -5.73 -40.16 6.52
C SER A 238 -5.81 -39.61 5.09
N LEU A 239 -5.84 -38.28 5.00
CA LEU A 239 -5.97 -37.59 3.73
C LEU A 239 -4.81 -36.61 3.54
N ASP A 240 -4.54 -36.26 2.28
CA ASP A 240 -3.52 -35.28 1.99
C ASP A 240 -4.10 -33.87 2.15
N ILE A 241 -3.28 -32.86 1.87
CA ILE A 241 -3.65 -31.46 2.12
C ILE A 241 -4.86 -31.06 1.29
N PRO A 242 -4.85 -31.18 -0.05
CA PRO A 242 -6.02 -30.68 -0.81
C PRO A 242 -7.29 -31.45 -0.55
N THR A 243 -7.22 -32.77 -0.32
CA THR A 243 -8.42 -33.52 -0.01
C THR A 243 -9.00 -33.11 1.35
N ALA A 244 -8.13 -32.88 2.34
CA ALA A 244 -8.60 -32.37 3.62
C ALA A 244 -9.16 -30.96 3.47
N LYS A 245 -8.51 -30.12 2.67
CA LYS A 245 -9.00 -28.77 2.46
C LYS A 245 -10.38 -28.79 1.81
N THR A 246 -10.61 -29.73 0.89
CA THR A 246 -11.92 -29.85 0.27
C THR A 246 -12.99 -30.17 1.33
N ILE A 247 -12.65 -31.04 2.29
CA ILE A 247 -13.61 -31.39 3.33
C ILE A 247 -13.91 -30.19 4.21
N ILE A 248 -12.87 -29.39 4.51
CA ILE A 248 -13.10 -28.17 5.28
C ILE A 248 -13.87 -27.15 4.46
N ASN A 249 -13.55 -27.04 3.17
CA ASN A 249 -14.30 -26.17 2.27
C ASN A 249 -15.79 -26.53 2.31
N GLU A 250 -16.11 -27.81 2.17
CA GLU A 250 -17.50 -28.26 2.26
C GLU A 250 -18.09 -27.94 3.62
N THR A 251 -17.32 -28.14 4.69
CA THR A 251 -17.80 -27.84 6.03
C THR A 251 -18.08 -26.35 6.21
N ILE A 252 -17.22 -25.51 5.62
CA ILE A 252 -17.47 -24.06 5.65
C ILE A 252 -18.80 -23.73 5.00
N GLN A 253 -19.04 -24.31 3.83
CA GLN A 253 -20.29 -24.08 3.06
C GLN A 253 -21.52 -24.48 3.89
N LYS A 254 -21.43 -25.61 4.57
CA LYS A 254 -22.49 -26.04 5.50
C LYS A 254 -22.69 -24.97 6.58
N TYR A 255 -21.65 -24.50 7.25
CA TYR A 255 -21.84 -23.47 8.29
C TYR A 255 -22.42 -22.18 7.73
N GLU A 256 -21.99 -21.78 6.55
CA GLU A 256 -22.48 -20.57 5.90
C GLU A 256 -23.98 -20.68 5.63
N ARG A 257 -24.41 -21.83 5.11
CA ARG A 257 -25.84 -22.04 4.88
C ARG A 257 -26.60 -22.08 6.20
N GLU A 258 -26.06 -22.76 7.20
CA GLU A 258 -26.74 -22.85 8.49
C GLU A 258 -26.95 -21.47 9.10
N PHE A 259 -25.97 -20.58 8.94
CA PHE A 259 -26.11 -19.22 9.45
C PHE A 259 -27.25 -18.49 8.75
N LEU A 260 -27.33 -18.60 7.42
CA LEU A 260 -28.43 -17.98 6.69
C LEU A 260 -29.77 -18.52 7.14
N ARG A 261 -29.86 -19.83 7.39
CA ARG A 261 -31.10 -20.42 7.90
C ARG A 261 -31.49 -19.80 9.24
N ARG A 262 -30.54 -19.73 10.17
CA ARG A 262 -30.86 -19.26 11.51
C ARG A 262 -31.22 -17.78 11.53
N ILE A 263 -30.65 -16.99 10.62
CA ILE A 263 -31.05 -15.60 10.50
C ILE A 263 -32.52 -15.51 10.09
N ASP A 264 -32.90 -16.28 9.07
CA ASP A 264 -34.28 -16.22 8.60
CA ASP A 264 -34.28 -16.23 8.59
C ASP A 264 -35.23 -16.94 9.54
N GLU A 265 -34.76 -17.97 10.26
CA GLU A 265 -35.59 -18.62 11.26
C GLU A 265 -35.87 -17.68 12.43
N TYR A 266 -34.84 -16.94 12.86
CA TYR A 266 -35.06 -15.90 13.86
C TYR A 266 -36.11 -14.91 13.41
N LYS A 267 -36.01 -14.44 12.16
CA LYS A 267 -36.96 -13.47 11.63
C LYS A 267 -38.37 -14.05 11.58
N GLN A 268 -38.49 -15.37 11.46
CA GLN A 268 -39.81 -15.99 11.37
C GLN A 268 -40.44 -16.14 12.76
N HIS A 269 -39.71 -16.77 13.69
CA HIS A 269 -40.29 -17.04 15.00
C HIS A 269 -40.28 -15.83 15.91
N LYS A 270 -39.48 -14.82 15.60
CA LYS A 270 -39.44 -13.59 16.39
C LYS A 270 -39.66 -12.37 15.50
N PRO A 272 -41.48 -9.63 13.52
CA PRO A 272 -41.15 -8.21 13.36
C PRO A 272 -39.88 -7.77 14.12
N ILE A 273 -38.70 -7.93 13.54
CA ILE A 273 -37.50 -7.60 14.38
C ILE A 273 -37.25 -6.10 14.38
N SER A 274 -36.58 -5.62 15.40
CA SER A 274 -36.23 -4.21 15.42
C SER A 274 -35.18 -3.94 14.32
N ASN A 275 -35.11 -2.67 13.91
CA ASN A 275 -34.07 -2.25 12.98
C ASN A 275 -32.69 -2.37 13.61
N LYS A 276 -32.61 -2.33 14.94
CA LYS A 276 -31.33 -2.60 15.61
C LYS A 276 -30.87 -4.02 15.33
N ILE A 277 -31.73 -5.01 15.59
CA ILE A 277 -31.37 -6.40 15.36
C ILE A 277 -31.23 -6.66 13.87
N GLU A 278 -32.01 -5.98 13.03
CA GLU A 278 -31.83 -6.08 11.58
C GLU A 278 -30.44 -5.61 11.17
N GLN A 279 -29.97 -4.50 11.75
CA GLN A 279 -28.61 -4.05 11.48
C GLN A 279 -27.59 -5.05 12.03
N TYR A 280 -27.85 -5.60 13.22
CA TYR A 280 -26.95 -6.60 13.81
C TYR A 280 -26.81 -7.80 12.89
N MET A 281 -27.93 -8.35 12.42
CA MET A 281 -27.89 -9.49 11.51
C MET A 281 -27.06 -9.17 10.26
N GLU A 282 -27.31 -8.01 9.66
CA GLU A 282 -26.59 -7.63 8.45
C GLU A 282 -25.09 -7.49 8.72
N ALA A 283 -24.75 -6.80 9.82
CA ALA A 283 -23.34 -6.59 10.15
C ALA A 283 -22.60 -7.92 10.35
N MET A 284 -23.28 -8.93 10.90
CA MET A 284 -22.63 -10.21 11.10
C MET A 284 -22.29 -10.88 9.77
N THR A 285 -23.20 -10.79 8.79
CA THR A 285 -22.94 -11.37 7.49
C THR A 285 -21.76 -10.71 6.79
N TYR A 286 -21.50 -9.43 7.07
CA TYR A 286 -20.36 -8.77 6.46
C TYR A 286 -19.04 -9.27 7.02
N GLN A 287 -19.04 -9.78 8.26
CA GLN A 287 -17.85 -10.44 8.78
C GLN A 287 -17.45 -11.63 7.91
N ILE A 288 -18.44 -12.41 7.47
CA ILE A 288 -18.16 -13.60 6.66
C ILE A 288 -17.51 -13.20 5.34
N SER A 289 -18.12 -12.26 4.62
CA SER A 289 -17.58 -11.88 3.33
C SER A 289 -16.26 -11.13 3.47
N GLY A 290 -16.15 -10.29 4.50
CA GLY A 290 -14.92 -9.53 4.69
C GLY A 290 -13.76 -10.42 5.10
N ASN A 291 -13.98 -11.29 6.08
CA ASN A 291 -12.95 -12.24 6.47
C ASN A 291 -12.52 -13.12 5.30
N LEU A 292 -13.48 -13.54 4.47
CA LEU A 292 -13.17 -14.39 3.32
C LEU A 292 -12.29 -13.65 2.31
N VAL A 293 -12.72 -12.45 1.89
CA VAL A 293 -12.01 -11.75 0.84
C VAL A 293 -10.65 -11.26 1.33
N TRP A 294 -10.58 -10.81 2.58
CA TRP A 294 -9.29 -10.37 3.13
C TRP A 294 -8.28 -11.51 3.17
N SER A 295 -8.73 -12.72 3.53
CA SER A 295 -7.81 -13.85 3.63
C SER A 295 -7.28 -14.34 2.28
N LEU A 296 -7.89 -13.91 1.17
CA LEU A 296 -7.45 -14.37 -0.14
C LEU A 296 -6.00 -14.03 -0.39
N ASN A 297 -5.61 -12.76 -0.16
CA ASN A 297 -4.26 -12.33 -0.50
C ASN A 297 -3.62 -11.46 0.58
N CYS A 298 -4.17 -11.46 1.80
CA CYS A 298 -3.49 -10.84 2.94
C CYS A 298 -2.04 -11.29 3.02
N PRO A 299 -1.10 -10.35 3.19
CA PRO A 299 0.30 -10.71 3.42
C PRO A 299 0.52 -11.64 4.60
N ARG A 300 -0.31 -11.56 5.63
CA ARG A 300 -0.15 -12.42 6.79
C ARG A 300 -0.05 -13.89 6.40
N TYR A 301 -0.90 -14.34 5.47
CA TYR A 301 -0.92 -15.74 5.08
C TYR A 301 -0.28 -16.01 3.72
N ASN A 302 0.05 -14.97 2.95
CA ASN A 302 0.47 -15.13 1.56
C ASN A 302 1.78 -14.38 1.35
N PRO A 303 2.91 -15.10 1.34
CA PRO A 303 4.22 -14.43 1.39
C PRO A 303 4.53 -13.54 0.19
N ASP A 304 3.99 -13.86 -0.99
CA ASP A 304 4.29 -13.05 -2.16
C ASP A 304 3.47 -11.77 -2.21
N TYR A 305 2.71 -11.48 -1.16
CA TYR A 305 2.06 -10.18 -0.97
C TYR A 305 2.72 -9.37 0.12
N ARG A 306 3.80 -9.86 0.70
CA ARG A 306 4.48 -9.19 1.80
C ARG A 306 5.50 -8.17 1.29
N TYR A 307 5.85 -7.24 2.17
CA TYR A 307 6.75 -6.15 1.82
C TYR A 307 7.35 -5.59 3.09
N GLY A 308 8.44 -4.85 2.94
CA GLY A 308 9.10 -4.18 4.05
C GLY A 308 9.51 -5.08 5.19
N TYR B 4 31.12 15.90 -29.19
CA TYR B 4 31.23 15.29 -27.87
C TYR B 4 31.05 16.34 -26.79
N SER B 5 31.16 15.91 -25.54
CA SER B 5 30.86 16.77 -24.39
C SER B 5 32.08 16.92 -23.50
N GLU B 6 32.44 18.17 -23.22
CA GLU B 6 33.33 18.53 -22.14
C GLU B 6 32.57 18.70 -20.84
N THR B 7 31.27 18.41 -20.85
CA THR B 7 30.39 18.61 -19.71
C THR B 7 29.98 17.32 -19.01
N SER B 8 30.13 16.17 -19.66
CA SER B 8 29.64 14.92 -19.10
C SER B 8 30.43 13.76 -19.66
N ASP B 9 30.50 12.68 -18.88
CA ASP B 9 31.18 11.46 -19.28
C ASP B 9 30.18 10.39 -19.70
N LEU B 10 30.48 9.73 -20.82
CA LEU B 10 29.72 8.55 -21.21
C LEU B 10 29.98 7.41 -20.25
N VAL B 11 28.92 6.72 -19.85
CA VAL B 11 29.02 5.56 -18.97
C VAL B 11 28.28 4.40 -19.61
N ASP B 12 28.92 3.23 -19.61
CA ASP B 12 28.31 2.02 -20.16
C ASP B 12 27.17 1.59 -19.27
N ILE B 13 25.94 1.64 -19.79
CA ILE B 13 24.78 1.26 -18.99
C ILE B 13 24.83 -0.22 -18.64
N SER B 14 25.60 -1.03 -19.38
CA SER B 14 25.74 -2.44 -19.05
C SER B 14 26.51 -2.67 -17.76
N ARG B 15 27.20 -1.65 -17.24
CA ARG B 15 27.84 -1.77 -15.94
C ARG B 15 26.85 -1.81 -14.79
N PHE B 16 25.56 -1.63 -15.06
CA PHE B 16 24.53 -1.64 -14.03
C PHE B 16 23.52 -2.74 -14.33
N ASP B 17 22.90 -3.26 -13.27
CA ASP B 17 21.85 -4.26 -13.39
C ASP B 17 20.51 -3.54 -13.49
N THR B 18 19.98 -3.43 -14.71
CA THR B 18 18.77 -2.68 -14.97
C THR B 18 17.56 -3.58 -15.22
N HIS B 19 17.66 -4.87 -14.87
CA HIS B 19 16.53 -5.80 -14.96
C HIS B 19 15.95 -5.85 -16.37
N GLY B 20 16.81 -5.75 -17.37
CA GLY B 20 16.36 -5.77 -18.74
C GLY B 20 15.80 -4.47 -19.26
N LEU B 21 15.87 -3.39 -18.47
CA LEU B 21 15.39 -2.10 -18.91
C LEU B 21 16.54 -1.28 -19.50
N GLY B 22 16.18 -0.26 -20.28
CA GLY B 22 17.17 0.64 -20.83
C GLY B 22 17.94 0.12 -22.01
N ALA B 23 17.48 -0.95 -22.66
CA ALA B 23 18.20 -1.53 -23.79
C ALA B 23 18.36 -0.51 -24.92
N ASN B 24 19.60 -0.38 -25.41
CA ASN B 24 19.97 0.52 -26.49
C ASN B 24 19.88 1.99 -26.11
N TYR B 25 19.85 2.29 -24.80
CA TYR B 25 19.92 3.66 -24.31
C TYR B 25 21.32 3.95 -23.80
N LYS B 26 21.86 5.11 -24.18
CA LYS B 26 23.16 5.55 -23.70
C LYS B 26 23.01 6.33 -22.40
N LEU B 27 24.04 6.23 -21.56
CA LEU B 27 24.03 6.84 -20.24
C LEU B 27 25.18 7.83 -20.10
N ARG B 28 24.90 8.99 -19.51
CA ARG B 28 25.92 10.01 -19.29
C ARG B 28 25.82 10.57 -17.88
N ARG B 29 26.96 11.02 -17.36
CA ARG B 29 27.05 11.56 -16.00
C ARG B 29 27.73 12.91 -16.05
N HIS B 30 27.05 13.94 -15.53
CA HIS B 30 27.54 15.30 -15.63
C HIS B 30 28.85 15.49 -14.88
N LYS B 31 29.80 16.17 -15.52
CA LYS B 31 31.10 16.39 -14.92
C LYS B 31 31.02 17.34 -13.73
N PHE B 32 30.06 18.25 -13.73
CA PHE B 32 29.85 19.20 -12.64
C PHE B 32 28.81 18.70 -11.65
N GLU B 33 28.85 17.40 -11.34
CA GLU B 33 27.86 16.80 -10.45
C GLU B 33 27.85 17.44 -9.07
N HIS B 34 29.00 17.95 -8.62
CA HIS B 34 29.05 18.58 -7.30
C HIS B 34 28.12 19.78 -7.22
N LEU B 35 27.92 20.50 -8.33
CA LEU B 35 26.97 21.60 -8.34
C LEU B 35 25.56 21.10 -8.08
N ALA B 36 25.21 19.93 -8.65
CA ALA B 36 23.93 19.32 -8.35
C ALA B 36 23.83 18.93 -6.88
N ASP B 37 24.91 18.39 -6.31
CA ASP B 37 24.94 18.09 -4.89
C ASP B 37 24.78 19.35 -4.06
N THR B 38 25.46 20.43 -4.44
CA THR B 38 25.34 21.69 -3.72
C THR B 38 23.91 22.22 -3.77
N GLY B 39 23.30 22.20 -4.96
CA GLY B 39 21.93 22.66 -5.09
C GLY B 39 20.97 21.88 -4.19
N CYS B 40 21.21 20.58 -4.06
CA CYS B 40 20.30 19.72 -3.30
C CYS B 40 20.43 20.00 -1.80
N HIS B 41 21.67 20.22 -1.33
CA HIS B 41 21.88 20.59 0.06
C HIS B 41 21.19 21.91 0.40
N LYS B 42 21.40 22.93 -0.44
CA LYS B 42 20.82 24.24 -0.18
C LYS B 42 19.29 24.18 -0.15
N ALA B 43 18.70 23.39 -1.05
CA ALA B 43 17.25 23.21 -1.03
C ALA B 43 16.81 22.49 0.24
N ARG B 44 17.56 21.47 0.64
CA ARG B 44 17.23 20.76 1.87
C ARG B 44 17.41 21.64 3.10
N SER B 45 18.45 22.48 3.10
CA SER B 45 18.64 23.41 4.21
C SER B 45 17.51 24.45 4.26
N ASP B 46 16.99 24.85 3.10
CA ASP B 46 15.87 25.79 3.09
C ASP B 46 14.58 25.14 3.57
N TRP B 47 14.41 23.83 3.33
CA TRP B 47 13.20 23.15 3.76
C TRP B 47 13.06 23.15 5.27
N VAL B 48 14.15 22.82 6.00
CA VAL B 48 14.07 22.87 7.45
C VAL B 48 13.98 24.31 7.93
N LYS B 49 14.54 25.26 7.17
CA LYS B 49 14.48 26.65 7.56
C LYS B 49 13.05 27.18 7.50
N TYR B 50 12.28 26.77 6.48
CA TYR B 50 10.97 27.36 6.22
C TYR B 50 9.79 26.41 6.35
N ILE B 51 10.02 25.09 6.34
CA ILE B 51 8.92 24.13 6.38
C ILE B 51 8.98 23.32 7.67
N GLY B 52 9.94 22.39 7.74
CA GLY B 52 10.04 21.48 8.85
C GLY B 52 11.17 20.49 8.67
N PRO B 53 11.24 19.48 9.56
CA PRO B 53 12.37 18.55 9.52
C PRO B 53 12.35 17.65 8.30
N LEU B 54 13.55 17.32 7.82
CA LEU B 54 13.72 16.43 6.68
CA LEU B 54 13.72 16.43 6.68
C LEU B 54 13.64 14.99 7.14
N THR B 55 12.73 14.21 6.55
CA THR B 55 12.54 12.80 6.88
C THR B 55 12.65 11.91 5.65
N GLU B 56 13.25 12.39 4.57
CA GLU B 56 13.39 11.59 3.36
C GLU B 56 14.46 12.19 2.47
N PHE B 57 14.99 11.35 1.58
CA PHE B 57 15.97 11.76 0.59
C PHE B 57 15.29 12.21 -0.70
N GLY B 58 15.98 13.07 -1.44
CA GLY B 58 15.48 13.51 -2.74
C GLY B 58 16.30 12.95 -3.89
N GLY B 59 17.05 13.82 -4.57
CA GLY B 59 17.83 13.43 -5.72
C GLY B 59 19.22 12.91 -5.42
N CYS B 60 19.67 12.99 -4.18
CA CYS B 60 21.05 12.64 -3.85
C CYS B 60 21.30 11.16 -4.11
N ASN B 61 22.51 10.86 -4.57
CA ASN B 61 22.96 9.50 -4.85
C ASN B 61 24.45 9.54 -5.16
N HIS B 62 25.28 9.33 -4.14
CA HIS B 62 26.73 9.45 -4.33
C HIS B 62 27.31 8.32 -5.17
N ILE B 63 26.63 7.17 -5.24
CA ILE B 63 27.18 6.03 -5.95
C ILE B 63 26.90 6.13 -7.45
N ASN B 64 25.63 6.09 -7.83
CA ASN B 64 25.25 6.07 -9.25
C ASN B 64 25.07 7.46 -9.84
N GLY B 65 25.10 8.50 -9.03
CA GLY B 65 24.99 9.85 -9.56
C GLY B 65 23.77 10.60 -9.10
N ASN B 66 23.96 11.87 -8.73
CA ASN B 66 22.84 12.74 -8.41
C ASN B 66 21.82 12.72 -9.55
N PHE B 67 20.54 12.71 -9.18
CA PHE B 67 19.44 12.65 -10.12
C PHE B 67 19.64 13.61 -11.30
N SER B 68 19.85 14.89 -11.00
CA SER B 68 20.06 15.88 -12.04
C SER B 68 21.30 15.56 -12.88
N ALA B 69 22.33 14.96 -12.28
CA ALA B 69 23.58 14.74 -12.99
C ALA B 69 23.46 13.68 -14.07
N VAL B 70 22.58 12.69 -13.89
CA VAL B 70 22.41 11.64 -14.87
C VAL B 70 21.13 11.80 -15.69
N VAL B 71 20.08 12.37 -15.13
CA VAL B 71 18.86 12.60 -15.90
C VAL B 71 19.05 13.75 -16.87
N LEU B 72 19.87 14.73 -16.52
CA LEU B 72 20.11 15.91 -17.35
C LEU B 72 21.62 16.13 -17.52
N PRO B 73 22.31 15.21 -18.21
CA PRO B 73 23.76 15.33 -18.31
C PRO B 73 24.25 16.36 -19.32
N LEU B 74 23.36 16.85 -20.18
CA LEU B 74 23.70 17.88 -21.16
C LEU B 74 23.47 19.29 -20.63
N CYS B 75 23.15 19.42 -19.35
CA CYS B 75 22.84 20.72 -18.77
CA CYS B 75 22.84 20.72 -18.78
C CYS B 75 24.05 21.65 -18.85
N ARG B 76 23.78 22.94 -19.01
CA ARG B 76 24.84 23.92 -18.93
C ARG B 76 25.32 23.98 -17.48
N PRO B 77 26.64 23.97 -17.24
CA PRO B 77 27.12 23.97 -15.85
C PRO B 77 26.62 25.14 -15.02
N ASP B 78 26.44 26.31 -15.63
CA ASP B 78 25.99 27.48 -14.88
C ASP B 78 24.52 27.42 -14.51
N ARG B 79 23.80 26.39 -14.93
CA ARG B 79 22.39 26.22 -14.60
C ARG B 79 22.10 24.93 -13.84
N LEU B 80 23.10 24.08 -13.63
CA LEU B 80 22.84 22.77 -13.02
C LEU B 80 22.47 22.89 -11.55
N GLU B 81 23.10 23.81 -10.81
CA GLU B 81 22.79 23.94 -9.39
C GLU B 81 21.34 24.34 -9.18
N LEU B 82 20.86 25.34 -9.92
CA LEU B 82 19.48 25.79 -9.76
C LEU B 82 18.50 24.69 -10.11
N ILE B 83 18.75 23.97 -11.20
CA ILE B 83 17.85 22.88 -11.60
C ILE B 83 17.78 21.82 -10.52
N ALA B 84 18.93 21.43 -9.95
CA ALA B 84 18.93 20.44 -8.88
C ALA B 84 18.22 20.99 -7.64
N TYR B 85 18.44 22.28 -7.34
CA TYR B 85 17.70 22.93 -6.26
C TYR B 85 16.20 22.81 -6.47
N VAL B 86 15.72 23.20 -7.65
CA VAL B 86 14.29 23.14 -7.94
C VAL B 86 13.76 21.72 -7.78
N LEU B 87 14.47 20.75 -8.38
CA LEU B 87 13.99 19.37 -8.34
C LEU B 87 14.00 18.84 -6.91
N GLU B 88 14.97 19.25 -6.09
CA GLU B 88 15.01 18.79 -4.71
C GLU B 88 13.81 19.30 -3.92
N PHE B 89 13.45 20.57 -4.10
CA PHE B 89 12.22 21.08 -3.52
C PHE B 89 11.01 20.32 -4.06
N ALA B 90 11.00 20.05 -5.37
CA ALA B 90 9.90 19.30 -5.96
C ALA B 90 9.82 17.90 -5.40
N PHE B 91 10.98 17.25 -5.16
CA PHE B 91 10.98 15.94 -4.55
C PHE B 91 10.29 15.97 -3.19
N LEU B 92 10.57 16.99 -2.38
CA LEU B 92 9.99 17.08 -1.04
C LEU B 92 8.55 17.54 -1.07
N HIS B 93 8.21 18.50 -1.96
CA HIS B 93 6.82 18.92 -2.10
C HIS B 93 5.95 17.78 -2.60
N ASP B 94 6.50 16.89 -3.42
CA ASP B 94 5.75 15.76 -3.97
C ASP B 94 5.14 14.92 -2.84
N SER B 95 5.94 14.60 -1.82
CA SER B 95 5.42 13.77 -0.74
C SER B 95 4.36 14.51 0.07
N VAL B 96 4.46 15.83 0.16
CA VAL B 96 3.43 16.61 0.83
C VAL B 96 2.10 16.47 0.09
N LEU B 97 2.13 16.57 -1.24
CA LEU B 97 0.91 16.43 -2.02
C LEU B 97 0.28 15.04 -1.86
N GLU B 98 1.11 14.02 -1.68
CA GLU B 98 0.62 12.65 -1.49
C GLU B 98 0.13 12.37 -0.08
N SER B 99 0.42 13.24 0.88
CA SER B 99 0.11 12.98 2.28
C SER B 99 -1.40 12.84 2.49
N GLU B 100 -1.75 12.02 3.48
CA GLU B 100 -3.15 11.84 3.89
C GLU B 100 -3.30 12.09 5.39
N ALA B 110 1.88 25.38 6.89
CA ALA B 110 3.14 25.22 6.16
C ALA B 110 3.01 25.71 4.72
N GLU B 111 1.79 26.11 4.35
CA GLU B 111 1.54 26.58 3.01
C GLU B 111 2.38 27.82 2.68
N ALA B 112 2.51 28.73 3.64
CA ALA B 112 3.24 29.97 3.38
C ALA B 112 4.71 29.68 3.07
N GLY B 113 5.29 28.69 3.76
CA GLY B 113 6.65 28.30 3.45
C GLY B 113 6.78 27.68 2.07
N LEU B 114 5.83 26.80 1.70
CA LEU B 114 5.83 26.21 0.37
C LEU B 114 5.73 27.29 -0.70
N ARG B 115 4.83 28.27 -0.51
CA ARG B 115 4.74 29.38 -1.44
C ARG B 115 6.07 30.13 -1.52
N LEU B 116 6.71 30.37 -0.37
CA LEU B 116 7.97 31.10 -0.36
C LEU B 116 9.04 30.39 -1.17
N LEU B 117 9.17 29.08 -0.98
CA LEU B 117 10.19 28.34 -1.71
C LEU B 117 9.84 28.18 -3.18
N TYR B 118 8.54 28.01 -3.48
CA TYR B 118 8.11 28.03 -4.88
C TYR B 118 8.46 29.35 -5.54
N GLU B 119 8.11 30.46 -4.91
CA GLU B 119 8.43 31.76 -5.47
C GLU B 119 9.93 31.97 -5.58
N ARG B 120 10.69 31.39 -4.65
CA ARG B 120 12.14 31.46 -4.74
C ARG B 120 12.65 30.74 -5.98
N CYS B 121 12.07 29.58 -6.30
CA CYS B 121 12.53 28.82 -7.45
C CYS B 121 12.17 29.51 -8.75
N ILE B 122 10.96 30.07 -8.84
CA ILE B 122 10.55 30.74 -10.07
C ILE B 122 11.36 32.01 -10.27
N SER B 123 11.63 32.76 -9.20
CA SER B 123 12.37 34.01 -9.33
CA SER B 123 12.37 34.01 -9.32
C SER B 123 13.79 33.76 -9.82
N ARG B 124 14.43 32.71 -9.31
CA ARG B 124 15.78 32.39 -9.77
C ARG B 124 15.77 31.93 -11.23
N LEU B 125 14.75 31.18 -11.64
CA LEU B 125 14.62 30.81 -13.04
C LEU B 125 14.36 32.03 -13.91
N LEU B 126 13.50 32.91 -13.45
CA LEU B 126 13.17 34.12 -14.21
C LEU B 126 14.40 35.04 -14.32
N GLN B 127 15.25 35.00 -13.32
CA GLN B 127 16.44 35.83 -13.31
C GLN B 127 17.42 35.45 -14.40
N THR B 128 17.39 34.19 -14.85
CA THR B 128 18.28 33.70 -15.90
C THR B 128 17.61 33.70 -17.29
N ASP B 129 16.37 33.21 -17.36
CA ASP B 129 15.66 33.08 -18.64
C ASP B 129 14.17 33.19 -18.34
N GLU B 130 13.61 34.36 -18.59
CA GLU B 130 12.23 34.63 -18.19
C GLU B 130 11.24 33.78 -18.97
N VAL B 131 11.46 33.63 -20.28
CA VAL B 131 10.54 32.87 -21.11
C VAL B 131 10.44 31.42 -20.64
N CYS B 132 11.58 30.80 -20.31
CA CYS B 132 11.58 29.43 -19.85
CA CYS B 132 11.55 29.42 -19.86
C CYS B 132 10.93 29.29 -18.47
N ALA B 133 11.17 30.27 -17.60
CA ALA B 133 10.61 30.19 -16.25
C ALA B 133 9.09 30.22 -16.28
N LYS B 134 8.50 31.09 -17.10
CA LYS B 134 7.05 31.14 -17.20
C LYS B 134 6.48 29.83 -17.75
N LYS B 135 7.21 29.18 -18.66
CA LYS B 135 6.79 27.86 -19.14
C LYS B 135 6.92 26.82 -18.05
N ILE B 136 8.03 26.85 -17.29
CA ILE B 136 8.20 25.93 -16.18
C ILE B 136 7.12 26.14 -15.13
N ALA B 137 6.85 27.41 -14.80
CA ALA B 137 5.82 27.71 -13.81
C ALA B 137 4.45 27.23 -14.27
N LYS B 138 4.17 27.35 -15.58
CA LYS B 138 2.88 26.90 -16.10
C LYS B 138 2.73 25.39 -15.95
N THR B 139 3.75 24.63 -16.36
CA THR B 139 3.65 23.18 -16.31
C THR B 139 3.70 22.68 -14.88
N TRP B 140 4.54 23.30 -14.04
CA TRP B 140 4.59 22.94 -12.63
C TRP B 140 3.24 23.08 -11.95
N LYS B 141 2.58 24.23 -12.16
CA LYS B 141 1.27 24.43 -11.54
C LYS B 141 0.23 23.47 -12.11
N ASP B 142 0.32 23.15 -13.41
CA ASP B 142 -0.61 22.19 -14.00
C ASP B 142 -0.43 20.81 -13.38
N ALA B 143 0.81 20.44 -13.07
CA ALA B 143 1.07 19.15 -12.43
C ALA B 143 0.51 19.11 -11.02
N ILE B 144 0.72 20.18 -10.25
CA ILE B 144 0.21 20.24 -8.88
C ILE B 144 -1.31 20.14 -8.87
N ASN B 145 -1.96 20.88 -9.77
CA ASN B 145 -3.42 20.84 -9.84
C ASN B 145 -3.91 19.44 -10.19
N THR B 146 -3.28 18.81 -11.18
CA THR B 146 -3.68 17.46 -11.59
C THR B 146 -3.51 16.47 -10.44
N THR B 147 -2.36 16.53 -9.77
CA THR B 147 -2.13 15.65 -8.61
C THR B 147 -3.16 15.90 -7.52
N THR B 148 -3.35 17.16 -7.14
CA THR B 148 -4.30 17.50 -6.09
C THR B 148 -5.71 17.00 -6.43
N LYS B 149 -6.12 17.16 -7.69
CA LYS B 149 -7.49 16.86 -8.07
C LYS B 149 -7.72 15.37 -8.29
N ASP B 150 -6.73 14.67 -8.84
CA ASP B 150 -6.95 13.32 -9.38
C ASP B 150 -6.16 12.22 -8.68
N LYS B 151 -5.41 12.52 -7.62
CA LYS B 151 -4.53 11.51 -7.04
C LYS B 151 -5.29 10.34 -6.39
N ASN B 152 -6.57 10.52 -6.07
CA ASN B 152 -7.37 9.48 -5.43
CA ASN B 152 -7.34 9.46 -5.43
C ASN B 152 -8.28 8.76 -6.41
N VAL B 153 -8.08 8.95 -7.72
CA VAL B 153 -8.91 8.28 -8.72
C VAL B 153 -8.53 6.80 -8.78
N ASP B 154 -9.55 5.94 -8.89
CA ASP B 154 -9.33 4.51 -9.12
C ASP B 154 -9.38 4.27 -10.63
N PHE B 155 -8.20 4.24 -11.22
CA PHE B 155 -7.97 3.98 -12.66
C PHE B 155 -8.30 2.51 -12.91
N GLN B 156 -8.93 2.23 -14.02
CA GLN B 156 -9.36 0.84 -14.29
C GLN B 156 -8.48 0.24 -15.39
N SER B 157 -7.40 0.90 -15.80
CA SER B 157 -6.47 0.38 -16.83
C SER B 157 -5.14 1.11 -16.78
N ILE B 158 -4.07 0.48 -17.21
CA ILE B 158 -2.78 1.21 -17.21
C ILE B 158 -2.81 2.42 -18.17
N GLU B 159 -3.42 2.34 -19.34
CA GLU B 159 -3.52 3.47 -20.26
C GLU B 159 -4.24 4.63 -19.59
N ASP B 160 -5.36 4.37 -18.90
CA ASP B 160 -6.07 5.43 -18.20
C ASP B 160 -5.23 6.00 -17.07
N TYR B 161 -4.57 5.13 -16.31
CA TYR B 161 -3.66 5.58 -15.26
C TYR B 161 -2.55 6.46 -15.82
N LEU B 162 -2.03 6.12 -17.00
CA LEU B 162 -0.86 6.81 -17.53
C LEU B 162 -1.20 8.23 -17.96
N GLU B 163 -2.44 8.49 -18.36
CA GLU B 163 -2.82 9.87 -18.69
C GLU B 163 -2.69 10.78 -17.48
N PHE B 164 -3.04 10.29 -16.30
CA PHE B 164 -2.81 11.04 -15.08
C PHE B 164 -1.34 10.96 -14.64
N ARG B 165 -0.77 9.76 -14.68
CA ARG B 165 0.54 9.53 -14.08
C ARG B 165 1.66 10.25 -14.84
N MET B 166 1.55 10.35 -16.17
CA MET B 166 2.58 11.05 -16.93
C MET B 166 2.71 12.49 -16.46
N ILE B 167 1.59 13.12 -16.11
CA ILE B 167 1.63 14.46 -15.53
C ILE B 167 2.04 14.40 -14.06
N ASP B 168 1.46 13.47 -13.30
CA ASP B 168 1.71 13.40 -11.87
C ASP B 168 3.18 13.13 -11.56
N THR B 169 3.82 12.26 -12.35
CA THR B 169 5.22 11.92 -12.13
C THR B 169 6.17 13.06 -12.49
N GLY B 170 5.67 14.12 -13.13
CA GLY B 170 6.50 15.26 -13.42
C GLY B 170 7.25 15.20 -14.73
N ALA B 171 6.80 14.37 -15.69
CA ALA B 171 7.55 14.23 -16.93
C ALA B 171 7.55 15.52 -17.75
N PRO B 172 6.41 16.19 -17.99
CA PRO B 172 6.49 17.50 -18.65
C PRO B 172 7.27 18.53 -17.83
N PHE B 173 7.16 18.46 -16.50
CA PHE B 173 7.90 19.38 -15.64
C PHE B 173 9.41 19.24 -15.85
N VAL B 174 9.91 18.00 -15.85
CA VAL B 174 11.35 17.77 -16.02
C VAL B 174 11.79 18.15 -17.42
N GLU B 175 10.93 17.93 -18.43
CA GLU B 175 11.28 18.36 -19.78
C GLU B 175 11.47 19.86 -19.84
N ALA B 176 10.57 20.62 -19.21
CA ALA B 176 10.71 22.07 -19.19
C ALA B 176 12.02 22.50 -18.51
N LEU B 177 12.41 21.79 -17.44
CA LEU B 177 13.67 22.09 -16.79
C LEU B 177 14.86 21.71 -17.66
N MET B 178 14.74 20.61 -18.40
CA MET B 178 15.84 20.18 -19.27
C MET B 178 16.04 21.16 -20.42
N LEU B 179 14.95 21.71 -20.95
CA LEU B 179 15.07 22.73 -21.99
C LEU B 179 15.73 23.99 -21.42
N PHE B 180 15.38 24.36 -20.20
CA PHE B 180 16.06 25.49 -19.56
C PHE B 180 17.55 25.19 -19.39
N GLY B 181 17.89 23.96 -19.00
CA GLY B 181 19.29 23.60 -18.85
C GLY B 181 20.05 23.61 -20.17
N LEU B 182 19.36 23.34 -21.27
CA LEU B 182 19.96 23.41 -22.60
C LEU B 182 19.94 24.82 -23.18
N GLY B 183 19.20 25.74 -22.57
CA GLY B 183 18.97 27.02 -23.22
C GLY B 183 18.29 26.86 -24.56
N MET B 184 17.31 25.97 -24.63
CA MET B 184 16.70 25.57 -25.90
C MET B 184 15.20 25.87 -25.89
N SER B 185 14.71 26.37 -27.02
CA SER B 185 13.29 26.61 -27.22
CA SER B 185 13.29 26.61 -27.22
C SER B 185 12.86 25.95 -28.52
N LEU B 186 11.61 25.50 -28.56
CA LEU B 186 11.07 24.80 -29.70
C LEU B 186 10.07 25.67 -30.46
N SER B 187 10.08 25.53 -31.79
CA SER B 187 9.06 26.14 -32.62
C SER B 187 7.69 25.55 -32.30
N PRO B 188 6.60 26.25 -32.65
CA PRO B 188 5.27 25.63 -32.52
C PRO B 188 5.13 24.36 -33.33
N GLN B 189 5.76 24.29 -34.51
CA GLN B 189 5.74 23.06 -35.30
C GLN B 189 6.46 21.93 -34.56
N GLU B 190 7.64 22.22 -34.01
CA GLU B 190 8.35 21.21 -33.25
C GLU B 190 7.56 20.78 -32.02
N ASP B 191 6.91 21.73 -31.33
CA ASP B 191 6.06 21.39 -30.20
C ASP B 191 5.00 20.36 -30.59
N ASP B 192 4.35 20.58 -31.73
CA ASP B 192 3.29 19.68 -32.17
C ASP B 192 3.85 18.30 -32.51
N ALA B 193 4.89 18.25 -33.34
CA ALA B 193 5.41 16.97 -33.82
C ALA B 193 6.06 16.18 -32.69
N LEU B 194 6.90 16.83 -31.89
CA LEU B 194 7.62 16.12 -30.84
C LEU B 194 6.73 15.66 -29.70
N GLY B 195 5.53 16.23 -29.56
CA GLY B 195 4.62 15.78 -28.53
C GLY B 195 4.24 14.31 -28.69
N HIS B 196 3.94 13.91 -29.92
CA HIS B 196 3.67 12.49 -30.20
C HIS B 196 4.90 11.63 -29.93
N VAL B 197 6.09 12.15 -30.24
CA VAL B 197 7.32 11.37 -30.13
C VAL B 197 7.60 11.02 -28.67
N ILE B 198 7.42 11.97 -27.76
CA ILE B 198 7.88 11.79 -26.38
C ILE B 198 6.87 11.13 -25.47
N ARG B 199 5.64 10.88 -25.95
CA ARG B 199 4.65 10.20 -25.12
C ARG B 199 5.12 8.86 -24.59
N PRO B 200 5.67 7.95 -25.41
CA PRO B 200 6.16 6.68 -24.83
C PRO B 200 7.34 6.88 -23.90
N CYS B 201 8.11 7.95 -24.07
CA CYS B 201 9.17 8.26 -23.11
C CYS B 201 8.58 8.65 -21.77
N PHE B 202 7.54 9.50 -21.78
CA PHE B 202 6.85 9.88 -20.55
C PHE B 202 6.33 8.65 -19.82
N ALA B 203 5.72 7.72 -20.55
CA ALA B 203 5.16 6.52 -19.91
C ALA B 203 6.26 5.66 -19.31
N ALA B 204 7.37 5.48 -20.03
CA ALA B 204 8.48 4.69 -19.51
C ALA B 204 9.02 5.29 -18.21
N LEU B 205 9.20 6.61 -18.17
CA LEU B 205 9.66 7.27 -16.96
C LEU B 205 8.71 7.03 -15.80
N ALA B 206 7.40 7.20 -16.04
CA ALA B 206 6.42 7.02 -14.97
C ALA B 206 6.43 5.58 -14.47
N LEU B 207 6.40 4.62 -15.40
CA LEU B 207 6.34 3.21 -15.01
C LEU B 207 7.64 2.74 -14.38
N THR B 208 8.77 3.24 -14.88
CA THR B 208 10.06 2.88 -14.29
C THR B 208 10.14 3.34 -12.85
N ASN B 209 9.62 4.54 -12.55
CA ASN B 209 9.59 5.01 -11.17
C ASN B 209 8.70 4.12 -10.32
N ASP B 210 7.50 3.79 -10.82
CA ASP B 210 6.61 2.87 -10.11
C ASP B 210 7.33 1.56 -9.79
N TYR B 211 8.06 1.02 -10.76
CA TYR B 211 8.77 -0.25 -10.58
C TYR B 211 9.75 -0.17 -9.41
N PHE B 212 10.55 0.89 -9.37
CA PHE B 212 11.64 0.99 -8.41
C PHE B 212 11.25 1.68 -7.11
N SER B 213 10.10 2.34 -7.06
CA SER B 213 9.65 3.01 -5.84
C SER B 213 8.49 2.30 -5.17
N PHE B 214 8.05 1.15 -5.70
CA PHE B 214 6.92 0.45 -5.12
C PHE B 214 7.23 -0.05 -3.71
N ASP B 215 8.42 -0.62 -3.51
CA ASP B 215 8.76 -1.20 -2.22
C ASP B 215 8.63 -0.19 -1.08
N ARG B 216 9.12 1.03 -1.29
CA ARG B 216 9.00 2.07 -0.27
CA ARG B 216 9.00 2.04 -0.25
C ARG B 216 7.61 2.68 -0.22
N GLU B 217 6.94 2.76 -1.38
CA GLU B 217 5.62 3.38 -1.42
C GLU B 217 4.53 2.47 -0.87
N ILE B 218 4.67 1.15 -1.03
CA ILE B 218 3.71 0.23 -0.42
C ILE B 218 3.82 0.29 1.10
N GLU B 219 5.02 0.50 1.64
CA GLU B 219 5.23 0.65 3.07
C GLU B 219 4.60 1.92 3.62
N GLU B 220 4.30 2.90 2.77
CA GLU B 220 3.83 4.21 3.18
C GLU B 220 2.32 4.38 3.05
N VAL B 221 1.58 3.31 2.73
CA VAL B 221 0.16 3.44 2.44
C VAL B 221 -0.58 4.08 3.60
N ASP B 222 -0.08 3.91 4.83
CA ASP B 222 -0.74 4.48 5.99
CA ASP B 222 -0.73 4.48 6.01
C ASP B 222 -0.61 6.00 6.05
N THR B 223 0.36 6.59 5.34
CA THR B 223 0.54 8.03 5.36
C THR B 223 0.58 8.69 3.98
N SER B 224 0.41 7.94 2.90
CA SER B 224 0.50 8.52 1.57
C SER B 224 -0.39 7.77 0.59
N THR B 225 -1.04 8.53 -0.29
CA THR B 225 -1.76 7.91 -1.40
C THR B 225 -0.81 7.06 -2.22
N LEU B 226 -1.24 5.84 -2.52
CA LEU B 226 -0.41 4.91 -3.29
C LEU B 226 -0.73 5.11 -4.77
N ILE B 227 0.19 5.77 -5.46
CA ILE B 227 0.07 5.97 -6.90
C ILE B 227 1.16 5.15 -7.56
N ASN B 228 0.81 3.93 -7.98
CA ASN B 228 1.80 2.98 -8.48
C ASN B 228 1.10 1.93 -9.33
N SER B 229 1.54 1.79 -10.57
CA SER B 229 0.92 0.85 -11.50
C SER B 229 1.09 -0.60 -11.05
N VAL B 230 2.12 -0.91 -10.26
CA VAL B 230 2.28 -2.26 -9.74
C VAL B 230 1.09 -2.63 -8.88
N ALA B 231 0.67 -1.72 -8.01
CA ALA B 231 -0.52 -1.95 -7.19
C ALA B 231 -1.77 -2.13 -8.04
N ILE B 232 -1.90 -1.34 -9.11
CA ILE B 232 -3.08 -1.42 -9.96
C ILE B 232 -3.17 -2.78 -10.63
N VAL B 233 -2.05 -3.24 -11.21
CA VAL B 233 -2.02 -4.54 -11.85
C VAL B 233 -2.37 -5.64 -10.86
N MET B 234 -1.86 -5.53 -9.63
CA MET B 234 -2.19 -6.48 -8.58
C MET B 234 -3.71 -6.59 -8.40
N ARG B 235 -4.41 -5.47 -8.44
CA ARG B 235 -5.84 -5.47 -8.16
C ARG B 235 -6.65 -5.91 -9.38
N ILE B 236 -6.34 -5.37 -10.56
CA ILE B 236 -7.11 -5.72 -11.75
C ILE B 236 -6.76 -7.08 -12.34
N GLN B 237 -5.53 -7.57 -12.14
CA GLN B 237 -5.13 -8.86 -12.69
C GLN B 237 -4.99 -9.94 -11.63
N SER B 238 -5.29 -9.63 -10.37
CA SER B 238 -5.27 -10.59 -9.28
C SER B 238 -3.92 -11.33 -9.21
N LEU B 239 -2.86 -10.54 -9.10
CA LEU B 239 -1.50 -11.06 -9.08
C LEU B 239 -0.79 -10.57 -7.83
N ASP B 240 0.25 -11.29 -7.46
CA ASP B 240 1.07 -10.92 -6.31
C ASP B 240 2.12 -9.90 -6.74
N ILE B 241 2.96 -9.49 -5.79
CA ILE B 241 3.94 -8.42 -6.01
C ILE B 241 4.94 -8.78 -7.10
N PRO B 242 5.66 -9.91 -7.02
CA PRO B 242 6.67 -10.18 -8.06
C PRO B 242 6.06 -10.41 -9.43
N THR B 243 4.89 -11.05 -9.52
CA THR B 243 4.25 -11.25 -10.81
C THR B 243 3.76 -9.92 -11.40
N ALA B 244 3.21 -9.04 -10.56
CA ALA B 244 2.80 -7.72 -11.03
C ALA B 244 4.00 -6.91 -11.49
N LYS B 245 5.11 -7.00 -10.76
CA LYS B 245 6.31 -6.27 -11.16
C LYS B 245 6.82 -6.75 -12.52
N THR B 246 6.68 -8.05 -12.79
CA THR B 246 7.08 -8.58 -14.09
C THR B 246 6.26 -7.96 -15.22
N ILE B 247 4.96 -7.80 -15.01
CA ILE B 247 4.11 -7.25 -16.06
C ILE B 247 4.45 -5.78 -16.30
N ILE B 248 4.77 -5.05 -15.22
CA ILE B 248 5.18 -3.66 -15.40
C ILE B 248 6.55 -3.58 -16.06
N ASN B 249 7.48 -4.45 -15.69
CA ASN B 249 8.79 -4.50 -16.34
C ASN B 249 8.64 -4.67 -17.85
N GLU B 250 7.87 -5.67 -18.27
CA GLU B 250 7.65 -5.90 -19.70
C GLU B 250 6.98 -4.70 -20.34
N THR B 251 6.02 -4.08 -19.66
CA THR B 251 5.35 -2.91 -20.20
C THR B 251 6.32 -1.75 -20.37
N ILE B 252 7.25 -1.59 -19.40
CA ILE B 252 8.28 -0.56 -19.53
C ILE B 252 9.10 -0.77 -20.79
N GLN B 253 9.51 -2.02 -21.04
CA GLN B 253 10.35 -2.31 -22.20
C GLN B 253 9.63 -2.01 -23.50
N LYS B 254 8.31 -2.24 -23.55
CA LYS B 254 7.54 -1.89 -24.73
C LYS B 254 7.60 -0.39 -25.01
N TYR B 255 7.39 0.42 -23.97
CA TYR B 255 7.41 1.87 -24.16
C TYR B 255 8.80 2.38 -24.48
N GLU B 256 9.84 1.77 -23.89
CA GLU B 256 11.21 2.16 -24.21
C GLU B 256 11.51 1.93 -25.69
N ARG B 257 11.12 0.77 -26.22
CA ARG B 257 11.34 0.47 -27.62
C ARG B 257 10.52 1.40 -28.52
N GLU B 258 9.26 1.65 -28.16
CA GLU B 258 8.41 2.54 -28.95
C GLU B 258 9.00 3.94 -29.02
N PHE B 259 9.61 4.41 -27.93
CA PHE B 259 10.22 5.74 -27.93
C PHE B 259 11.37 5.82 -28.92
N LEU B 260 12.27 4.84 -28.89
CA LEU B 260 13.36 4.80 -29.86
C LEU B 260 12.84 4.69 -31.28
N ARG B 261 11.79 3.88 -31.48
CA ARG B 261 11.16 3.76 -32.80
C ARG B 261 10.64 5.12 -33.27
N ARG B 262 9.94 5.83 -32.40
CA ARG B 262 9.35 7.11 -32.81
C ARG B 262 10.43 8.16 -33.06
N ILE B 263 11.54 8.09 -32.33
CA ILE B 263 12.67 8.98 -32.61
C ILE B 263 13.23 8.69 -33.99
N ASP B 264 13.52 7.42 -34.26
CA ASP B 264 14.05 7.04 -35.57
C ASP B 264 13.06 7.39 -36.66
N GLU B 265 11.77 7.13 -36.45
CA GLU B 265 10.75 7.45 -37.45
C GLU B 265 10.71 8.96 -37.72
N TYR B 266 10.77 9.75 -36.65
CA TYR B 266 10.90 11.21 -36.81
C TYR B 266 12.16 11.55 -37.59
N LYS B 267 13.28 10.94 -37.22
CA LYS B 267 14.56 11.25 -37.87
C LYS B 267 14.55 10.88 -39.35
N GLN B 268 13.77 9.89 -39.76
CA GLN B 268 13.81 9.49 -41.17
C GLN B 268 12.91 10.38 -42.04
N HIS B 269 11.64 10.46 -41.71
CA HIS B 269 10.59 11.17 -42.49
C HIS B 269 10.64 12.70 -42.40
N LYS B 270 11.28 13.27 -41.40
CA LYS B 270 11.30 14.73 -41.24
C LYS B 270 12.72 15.27 -41.29
N GLY B 271 13.66 14.39 -41.60
CA GLY B 271 15.10 14.68 -41.64
C GLY B 271 15.66 15.32 -42.91
N PRO B 272 16.97 15.65 -42.99
CA PRO B 272 17.92 15.62 -41.88
C PRO B 272 17.65 16.73 -40.88
N ILE B 273 17.46 16.34 -39.64
CA ILE B 273 17.08 17.24 -38.54
C ILE B 273 18.20 18.23 -38.19
N SER B 274 17.82 19.31 -37.50
CA SER B 274 18.78 20.27 -36.97
C SER B 274 19.59 19.67 -35.84
N ASN B 275 20.75 20.28 -35.57
CA ASN B 275 21.52 19.89 -34.38
C ASN B 275 20.76 20.22 -33.10
N LYS B 276 19.86 21.21 -33.15
CA LYS B 276 19.02 21.49 -32.00
C LYS B 276 18.09 20.32 -31.69
N ILE B 277 17.34 19.86 -32.69
CA ILE B 277 16.43 18.74 -32.47
C ILE B 277 17.21 17.46 -32.22
N GLU B 278 18.38 17.31 -32.83
CA GLU B 278 19.24 16.17 -32.52
C GLU B 278 19.63 16.17 -31.05
N GLN B 279 19.97 17.34 -30.51
CA GLN B 279 20.28 17.44 -29.09
C GLN B 279 19.05 17.16 -28.23
N TYR B 280 17.88 17.64 -28.66
CA TYR B 280 16.66 17.36 -27.92
C TYR B 280 16.40 15.86 -27.84
N MET B 281 16.46 15.17 -28.99
CA MET B 281 16.26 13.72 -29.00
C MET B 281 17.25 13.02 -28.08
N GLU B 282 18.53 13.40 -28.16
CA GLU B 282 19.54 12.76 -27.34
C GLU B 282 19.28 13.02 -25.86
N ALA B 283 19.01 14.27 -25.49
CA ALA B 283 18.78 14.61 -24.09
C ALA B 283 17.58 13.86 -23.52
N MET B 284 16.55 13.63 -24.34
CA MET B 284 15.38 12.91 -23.84
C MET B 284 15.72 11.46 -23.53
N THR B 285 16.51 10.80 -24.38
CA THR B 285 16.91 9.42 -24.08
C THR B 285 17.75 9.35 -22.82
N TYR B 286 18.49 10.41 -22.50
CA TYR B 286 19.28 10.42 -21.27
C TYR B 286 18.39 10.50 -20.03
N GLN B 287 17.19 11.08 -20.18
CA GLN B 287 16.22 11.02 -19.09
C GLN B 287 15.87 9.57 -18.76
N ILE B 288 15.68 8.74 -19.79
CA ILE B 288 15.32 7.34 -19.56
C ILE B 288 16.44 6.61 -18.84
N SER B 289 17.67 6.69 -19.37
CA SER B 289 18.79 5.98 -18.78
C SER B 289 19.18 6.58 -17.43
N GLY B 290 19.11 7.90 -17.29
CA GLY B 290 19.47 8.52 -16.03
C GLY B 290 18.47 8.20 -14.93
N ASN B 291 17.18 8.36 -15.23
CA ASN B 291 16.15 7.98 -14.27
C ASN B 291 16.26 6.51 -13.88
N LEU B 292 16.56 5.65 -14.85
CA LEU B 292 16.68 4.22 -14.59
C LEU B 292 17.84 3.92 -13.65
N VAL B 293 19.04 4.40 -14.00
CA VAL B 293 20.25 4.05 -13.24
C VAL B 293 20.20 4.68 -11.85
N TRP B 294 19.69 5.92 -11.76
CA TRP B 294 19.59 6.58 -10.46
C TRP B 294 18.66 5.81 -9.53
N SER B 295 17.55 5.29 -10.06
CA SER B 295 16.57 4.58 -9.24
C SER B 295 17.08 3.24 -8.73
N LEU B 296 18.18 2.72 -9.28
CA LEU B 296 18.68 1.42 -8.84
C LEU B 296 19.04 1.45 -7.36
N ASN B 297 19.82 2.45 -6.92
CA ASN B 297 20.34 2.46 -5.56
C ASN B 297 20.23 3.82 -4.89
N CYS B 298 19.40 4.73 -5.40
CA CYS B 298 19.05 5.95 -4.68
C CYS B 298 18.61 5.63 -3.25
N PRO B 299 19.12 6.38 -2.27
CA PRO B 299 18.61 6.26 -0.91
C PRO B 299 17.12 6.47 -0.80
N ARG B 300 16.54 7.33 -1.64
CA ARG B 300 15.11 7.61 -1.59
C ARG B 300 14.27 6.34 -1.66
N TYR B 301 14.61 5.40 -2.56
CA TYR B 301 13.83 4.18 -2.70
C TYR B 301 14.51 2.96 -2.08
N ASN B 302 15.77 3.07 -1.69
CA ASN B 302 16.56 1.91 -1.25
C ASN B 302 17.27 2.23 0.06
N PRO B 303 16.72 1.77 1.19
CA PRO B 303 17.25 2.20 2.49
C PRO B 303 18.69 1.75 2.76
N ASP B 304 19.12 0.63 2.18
CA ASP B 304 20.47 0.14 2.41
C ASP B 304 21.49 0.91 1.57
#